data_1A0I
#
_entry.id   1A0I
#
_cell.length_a   64.700
_cell.length_b   85.200
_cell.length_c   79.100
_cell.angle_alpha   90.00
_cell.angle_beta   90.00
_cell.angle_gamma   90.00
#
_symmetry.space_group_name_H-M   'P 21 21 2'
#
loop_
_entity.id
_entity.type
_entity.pdbx_description
1 polymer 'DNA LIGASE'
2 non-polymer "ADENOSINE-5'-TRIPHOSPHATE"
3 water water
#
_entity_poly.entity_id   1
_entity_poly.type   'polypeptide(L)'
_entity_poly.pdbx_seq_one_letter_code
;VNIKTNPFKAVSFVESAIKKALDNAGYLIAEIKYDGVRGNICVDNTANSYWLSRVSKTIPALEHLNGFDVRWKRLLNDDR
CFYKDGFMLDGELMVKGVDFNTGSGLLRTKWTDTKNQEFHEELFVEPIRKKDKVPFKLHTGHLHIKLYAILPLHIVESGE
DCDVMTLLMQEHVKNMLPLLQEYFPEIEWQAAESYEVYDMVELQQLYEQKRAEGHEGLIVKDPMCIYKRGKKSGWWKMKP
ENEADGIIQGLVWGTKGLANEGKVIGFEVLLESGRLVNATNISRALMDEFTETVKEATLSQWGFFSPYGIGDNDACTINP
YDGWACQISYMEETPDGSLRHPSFVMFR
;
_entity_poly.pdbx_strand_id   A
#
loop_
_chem_comp.id
_chem_comp.type
_chem_comp.name
_chem_comp.formula
ATP non-polymer ADENOSINE-5'-TRIPHOSPHATE 'C10 H16 N5 O13 P3'
#
# COMPACT_ATOMS: atom_id res chain seq x y z
N VAL A 1 -22.72 -12.55 7.82
CA VAL A 1 -23.50 -12.01 8.93
C VAL A 1 -23.93 -10.58 8.51
N ASN A 2 -24.34 -9.61 9.38
CA ASN A 2 -24.97 -8.35 8.93
C ASN A 2 -23.97 -7.31 8.45
N ILE A 3 -23.73 -7.53 7.16
CA ILE A 3 -22.68 -6.97 6.34
C ILE A 3 -21.38 -6.91 7.14
N LYS A 4 -20.87 -8.12 6.98
CA LYS A 4 -19.55 -8.46 7.42
C LYS A 4 -18.89 -8.42 6.05
N THR A 5 -18.44 -7.26 5.57
CA THR A 5 -17.77 -7.12 4.30
C THR A 5 -16.58 -8.07 4.16
N ASN A 6 -15.82 -8.26 5.24
CA ASN A 6 -14.74 -9.23 5.35
C ASN A 6 -13.87 -9.40 4.12
N PRO A 7 -13.17 -8.36 3.72
CA PRO A 7 -12.38 -8.33 2.51
C PRO A 7 -11.19 -9.27 2.49
N PHE A 8 -10.54 -9.42 1.33
CA PHE A 8 -9.33 -10.23 1.19
C PHE A 8 -8.19 -9.45 1.83
N LYS A 9 -7.55 -10.07 2.83
CA LYS A 9 -6.38 -9.49 3.48
C LYS A 9 -5.17 -10.32 3.04
N ALA A 10 -4.22 -9.67 2.41
CA ALA A 10 -3.03 -10.34 1.94
C ALA A 10 -2.23 -11.01 3.05
N VAL A 11 -1.70 -12.21 2.81
CA VAL A 11 -0.84 -12.82 3.81
C VAL A 11 0.54 -12.24 3.62
N SER A 12 1.47 -12.43 4.55
CA SER A 12 2.83 -11.89 4.46
C SER A 12 3.71 -12.61 3.44
N PHE A 13 4.75 -11.99 2.93
CA PHE A 13 5.67 -12.57 1.98
C PHE A 13 6.14 -13.95 2.37
N VAL A 14 5.93 -14.89 1.44
CA VAL A 14 6.30 -16.30 1.53
C VAL A 14 6.84 -16.52 0.13
N GLU A 15 8.15 -16.53 -0.10
CA GLU A 15 8.68 -16.58 -1.45
C GLU A 15 8.33 -17.87 -2.14
N SER A 16 8.41 -19.01 -1.46
CA SER A 16 8.05 -20.28 -2.06
C SER A 16 6.65 -20.25 -2.65
N ALA A 17 5.71 -19.66 -1.91
CA ALA A 17 4.34 -19.55 -2.35
C ALA A 17 4.15 -18.70 -3.60
N ILE A 18 4.86 -17.57 -3.64
CA ILE A 18 4.78 -16.64 -4.75
C ILE A 18 5.46 -17.29 -5.96
N LYS A 19 6.61 -17.93 -5.77
CA LYS A 19 7.29 -18.67 -6.82
C LYS A 19 6.38 -19.72 -7.46
N LYS A 20 5.58 -20.47 -6.69
CA LYS A 20 4.64 -21.46 -7.18
C LYS A 20 3.49 -20.78 -7.94
N ALA A 21 2.95 -19.63 -7.52
CA ALA A 21 1.93 -18.91 -8.29
C ALA A 21 2.48 -18.55 -9.66
N LEU A 22 3.64 -17.87 -9.65
CA LEU A 22 4.41 -17.52 -10.84
C LEU A 22 4.55 -18.67 -11.84
N ASP A 23 4.99 -19.84 -11.43
CA ASP A 23 5.23 -21.00 -12.27
C ASP A 23 3.97 -21.46 -12.91
N ASN A 24 2.94 -21.50 -12.05
CA ASN A 24 1.66 -21.95 -12.51
C ASN A 24 0.86 -20.95 -13.32
N ALA A 25 1.12 -19.65 -13.23
CA ALA A 25 0.36 -18.66 -13.98
C ALA A 25 1.07 -18.08 -15.19
N GLY A 26 2.36 -17.90 -15.08
CA GLY A 26 3.19 -17.35 -16.14
C GLY A 26 3.62 -15.93 -15.85
N TYR A 27 3.19 -15.38 -14.70
CA TYR A 27 3.49 -14.02 -14.34
C TYR A 27 2.86 -13.71 -12.98
N LEU A 28 2.97 -12.47 -12.52
CA LEU A 28 2.40 -12.07 -11.26
C LEU A 28 1.89 -10.66 -11.41
N ILE A 29 0.72 -10.37 -10.83
CA ILE A 29 0.16 -9.01 -10.73
C ILE A 29 0.92 -8.42 -9.54
N ALA A 30 1.36 -7.18 -9.60
CA ALA A 30 1.94 -6.53 -8.43
C ALA A 30 1.45 -5.10 -8.41
N GLU A 31 0.79 -4.71 -7.33
CA GLU A 31 0.33 -3.35 -7.15
C GLU A 31 1.03 -2.71 -5.96
N ILE A 32 0.99 -1.40 -5.88
CA ILE A 32 1.52 -0.70 -4.73
C ILE A 32 0.66 -1.07 -3.54
N LYS A 33 1.25 -1.17 -2.37
CA LYS A 33 0.48 -1.41 -1.18
C LYS A 33 0.32 0.01 -0.65
N TYR A 34 -0.84 0.57 -0.92
CA TYR A 34 -1.15 1.92 -0.49
C TYR A 34 -1.35 1.98 1.01
N ASP A 35 -1.06 3.13 1.60
CA ASP A 35 -1.22 3.34 3.01
C ASP A 35 -2.34 4.36 3.10
N GLY A 36 -3.54 3.92 3.44
CA GLY A 36 -4.66 4.79 3.64
C GLY A 36 -5.63 4.02 4.49
N VAL A 37 -6.93 4.27 4.27
CA VAL A 37 -7.91 3.45 4.93
C VAL A 37 -8.63 2.69 3.80
N ARG A 38 -8.68 1.38 3.97
CA ARG A 38 -9.41 0.50 3.07
C ARG A 38 -10.91 0.80 3.13
N GLY A 39 -11.58 1.16 2.05
CA GLY A 39 -12.99 1.44 2.10
C GLY A 39 -13.73 0.28 1.50
N ASN A 40 -14.87 -0.14 2.02
CA ASN A 40 -15.67 -1.18 1.40
C ASN A 40 -17.01 -0.52 1.23
N ILE A 41 -17.18 0.11 0.07
CA ILE A 41 -18.36 0.93 -0.24
C ILE A 41 -19.49 0.03 -0.75
N CYS A 42 -20.47 -0.25 0.11
CA CYS A 42 -21.63 -1.07 -0.23
C CYS A 42 -22.75 -0.22 -0.82
N VAL A 43 -23.26 -0.56 -1.99
CA VAL A 43 -24.32 0.17 -2.66
C VAL A 43 -25.36 -0.89 -2.93
N ASP A 44 -26.56 -0.76 -2.36
CA ASP A 44 -27.60 -1.78 -2.55
C ASP A 44 -28.54 -1.38 -3.67
N ASN A 45 -29.51 -2.24 -3.93
CA ASN A 45 -30.48 -2.02 -4.99
C ASN A 45 -31.56 -1.04 -4.57
N THR A 46 -31.50 -0.57 -3.33
CA THR A 46 -32.39 0.45 -2.76
C THR A 46 -31.76 1.82 -3.07
N ALA A 47 -30.55 1.83 -3.69
CA ALA A 47 -29.74 2.98 -4.11
C ALA A 47 -29.18 3.78 -2.95
N ASN A 48 -28.81 2.98 -1.95
CA ASN A 48 -28.15 3.44 -0.73
C ASN A 48 -26.69 3.08 -0.72
N SER A 49 -25.79 3.92 -0.24
CA SER A 49 -24.42 3.50 -0.08
C SER A 49 -23.99 3.54 1.38
N TYR A 50 -22.98 2.75 1.69
CA TYR A 50 -22.38 2.65 3.02
C TYR A 50 -20.88 2.69 2.88
N TRP A 51 -20.24 3.72 3.40
CA TRP A 51 -18.81 3.89 3.34
C TRP A 51 -18.25 3.24 4.60
N LEU A 52 -18.05 1.94 4.44
CA LEU A 52 -17.60 1.06 5.48
C LEU A 52 -16.11 0.86 5.41
N SER A 53 -15.62 0.17 6.41
CA SER A 53 -14.22 -0.12 6.47
C SER A 53 -14.04 -1.63 6.31
N ARG A 54 -12.85 -2.17 6.56
CA ARG A 54 -12.38 -3.55 6.46
C ARG A 54 -12.95 -4.39 7.62
N VAL A 55 -13.48 -3.64 8.60
CA VAL A 55 -14.09 -4.10 9.84
C VAL A 55 -15.61 -3.83 9.88
N SER A 56 -16.27 -3.58 8.74
CA SER A 56 -17.72 -3.35 8.59
C SER A 56 -18.34 -2.26 9.49
N LYS A 57 -17.52 -1.25 9.79
CA LYS A 57 -17.84 -0.11 10.63
C LYS A 57 -17.72 1.04 9.65
N THR A 58 -18.61 2.00 9.83
CA THR A 58 -18.65 3.15 8.95
C THR A 58 -17.48 4.07 9.27
N ILE A 59 -17.06 4.86 8.28
CA ILE A 59 -15.90 5.71 8.43
C ILE A 59 -16.40 7.11 8.69
N PRO A 60 -16.10 7.66 9.87
CA PRO A 60 -16.51 8.97 10.35
C PRO A 60 -16.42 10.12 9.36
N ALA A 61 -15.24 10.51 8.87
CA ALA A 61 -15.16 11.59 7.91
C ALA A 61 -16.01 11.39 6.67
N LEU A 62 -16.43 10.16 6.37
CA LEU A 62 -17.21 9.79 5.19
C LEU A 62 -18.61 9.25 5.53
N GLU A 63 -19.03 9.31 6.79
CA GLU A 63 -20.38 8.93 7.21
C GLU A 63 -21.42 9.74 6.48
N HIS A 64 -21.04 10.93 6.00
CA HIS A 64 -21.91 11.84 5.30
C HIS A 64 -22.12 11.45 3.85
N LEU A 65 -21.59 10.31 3.39
CA LEU A 65 -21.76 9.95 2.00
C LEU A 65 -22.67 8.71 1.93
N ASN A 66 -23.31 8.38 3.05
CA ASN A 66 -24.14 7.21 3.23
C ASN A 66 -25.61 7.50 3.03
N GLY A 67 -26.45 6.47 2.99
CA GLY A 67 -27.84 6.73 2.74
C GLY A 67 -28.11 6.76 1.22
N PHE A 68 -29.29 7.25 0.89
CA PHE A 68 -29.81 7.29 -0.46
C PHE A 68 -29.27 8.41 -1.37
N ASP A 69 -29.00 8.12 -2.63
CA ASP A 69 -28.61 9.19 -3.55
C ASP A 69 -29.15 8.66 -4.85
N VAL A 70 -29.95 9.48 -5.57
CA VAL A 70 -30.56 9.06 -6.83
C VAL A 70 -29.52 8.58 -7.82
N ARG A 71 -28.31 9.17 -7.82
CA ARG A 71 -27.29 8.83 -8.81
C ARG A 71 -26.81 7.40 -8.71
N TRP A 72 -27.07 6.72 -7.59
CA TRP A 72 -26.76 5.31 -7.50
C TRP A 72 -27.80 4.53 -8.25
N LYS A 73 -29.06 4.99 -8.26
CA LYS A 73 -30.16 4.34 -8.97
C LYS A 73 -29.87 4.38 -10.46
N ARG A 74 -29.49 5.58 -10.93
CA ARG A 74 -29.19 5.78 -12.32
C ARG A 74 -27.98 4.97 -12.74
N LEU A 75 -26.93 4.87 -11.90
CA LEU A 75 -25.74 4.05 -12.15
C LEU A 75 -26.08 2.56 -12.21
N LEU A 76 -26.94 2.06 -11.33
CA LEU A 76 -27.36 0.66 -11.40
C LEU A 76 -28.17 0.38 -12.67
N ASN A 77 -29.03 1.30 -13.11
CA ASN A 77 -29.85 1.06 -14.28
C ASN A 77 -29.02 1.01 -15.53
N ASP A 78 -28.00 1.86 -15.66
CA ASP A 78 -26.99 1.86 -16.72
C ASP A 78 -26.58 0.48 -17.22
N ASP A 79 -26.62 0.31 -18.54
CA ASP A 79 -26.26 -0.90 -19.26
C ASP A 79 -24.93 -1.49 -18.84
N ARG A 80 -24.00 -0.54 -18.71
CA ARG A 80 -22.63 -0.75 -18.37
C ARG A 80 -22.45 -1.19 -16.94
N CYS A 81 -23.51 -1.24 -16.11
CA CYS A 81 -23.40 -1.74 -14.76
C CYS A 81 -23.93 -3.15 -14.81
N PHE A 82 -23.04 -3.99 -14.34
CA PHE A 82 -23.26 -5.42 -14.27
C PHE A 82 -23.77 -5.84 -12.92
N TYR A 83 -23.77 -4.97 -11.91
CA TYR A 83 -24.22 -5.36 -10.57
C TYR A 83 -25.50 -4.63 -10.28
N LYS A 84 -26.58 -5.17 -10.84
CA LYS A 84 -27.89 -4.56 -10.68
C LYS A 84 -28.40 -4.85 -9.28
N ASP A 85 -27.94 -5.97 -8.70
CA ASP A 85 -28.21 -6.38 -7.33
C ASP A 85 -27.58 -5.45 -6.27
N GLY A 86 -26.68 -4.55 -6.66
CA GLY A 86 -25.90 -3.74 -5.77
C GLY A 86 -24.51 -4.37 -5.72
N PHE A 87 -23.52 -3.59 -5.29
CA PHE A 87 -22.14 -4.03 -5.28
C PHE A 87 -21.36 -3.50 -4.11
N MET A 88 -20.19 -4.03 -3.85
CA MET A 88 -19.28 -3.50 -2.88
C MET A 88 -17.97 -3.13 -3.57
N LEU A 89 -17.50 -1.89 -3.46
CA LEU A 89 -16.21 -1.49 -3.98
C LEU A 89 -15.16 -1.70 -2.89
N ASP A 90 -14.02 -2.27 -3.26
CA ASP A 90 -12.92 -2.54 -2.38
C ASP A 90 -11.73 -1.77 -2.90
N GLY A 91 -11.08 -0.99 -2.06
CA GLY A 91 -9.99 -0.13 -2.48
C GLY A 91 -9.45 0.73 -1.37
N GLU A 92 -8.43 1.55 -1.62
CA GLU A 92 -7.84 2.45 -0.64
C GLU A 92 -8.27 3.90 -0.82
N LEU A 93 -8.74 4.40 0.33
CA LEU A 93 -9.25 5.75 0.47
C LEU A 93 -8.09 6.60 1.00
N MET A 94 -7.66 7.51 0.15
CA MET A 94 -6.54 8.41 0.37
C MET A 94 -7.03 9.85 0.46
N VAL A 95 -6.36 10.71 1.21
CA VAL A 95 -6.72 12.12 1.15
C VAL A 95 -5.61 12.80 0.36
N LYS A 96 -6.00 13.86 -0.35
CA LYS A 96 -5.12 14.66 -1.18
C LYS A 96 -4.63 15.86 -0.37
N GLY A 97 -3.36 16.18 -0.52
CA GLY A 97 -2.73 17.30 0.17
C GLY A 97 -1.86 16.80 1.31
N VAL A 98 -2.52 16.16 2.26
CA VAL A 98 -1.82 15.62 3.42
C VAL A 98 -1.01 14.38 3.03
N ASP A 99 -0.23 13.92 4.00
CA ASP A 99 0.55 12.70 3.92
C ASP A 99 -0.29 11.55 4.47
N PHE A 100 0.18 10.32 4.29
CA PHE A 100 -0.54 9.17 4.80
C PHE A 100 -0.32 9.28 6.29
N ASN A 101 -1.40 8.96 6.99
CA ASN A 101 -1.55 9.06 8.43
C ASN A 101 -1.89 10.44 8.89
N THR A 102 -1.89 11.44 8.01
CA THR A 102 -2.67 12.60 8.37
C THR A 102 -4.02 12.26 7.69
N GLY A 103 -4.05 11.89 6.39
CA GLY A 103 -5.26 11.49 5.68
C GLY A 103 -6.06 10.49 6.49
N SER A 104 -5.40 9.45 6.99
CA SER A 104 -6.03 8.40 7.78
C SER A 104 -6.65 8.92 9.08
N GLY A 105 -5.97 9.86 9.76
CA GLY A 105 -6.48 10.46 10.98
C GLY A 105 -7.72 11.27 10.60
N LEU A 106 -7.61 12.05 9.49
CA LEU A 106 -8.69 12.84 8.92
C LEU A 106 -9.91 11.96 8.69
N LEU A 107 -9.74 10.74 8.17
CA LEU A 107 -10.84 9.84 7.90
C LEU A 107 -11.50 9.27 9.15
N ARG A 108 -10.74 9.05 10.22
CA ARG A 108 -11.33 8.52 11.44
C ARG A 108 -11.86 9.59 12.38
N THR A 109 -11.56 10.86 12.10
CA THR A 109 -12.07 11.96 12.91
C THR A 109 -13.58 12.13 12.85
N LYS A 110 -14.16 12.36 14.00
CA LYS A 110 -15.51 12.86 14.06
C LYS A 110 -15.32 13.84 15.20
N TRP A 111 -15.39 15.11 14.80
CA TRP A 111 -15.26 16.42 15.45
C TRP A 111 -14.25 17.09 14.53
N THR A 112 -14.33 18.38 14.26
CA THR A 112 -13.51 18.99 13.22
C THR A 112 -11.96 19.00 13.32
N ASP A 113 -11.41 19.54 12.23
CA ASP A 113 -10.09 20.09 11.98
C ASP A 113 -10.06 20.15 10.47
N THR A 114 -10.10 21.39 10.01
CA THR A 114 -10.57 21.67 8.66
C THR A 114 -9.88 21.51 7.29
N LYS A 115 -10.41 20.40 6.79
CA LYS A 115 -10.35 19.91 5.44
C LYS A 115 -11.84 19.62 5.14
N ASN A 116 -12.73 20.54 5.54
CA ASN A 116 -14.14 20.27 5.51
C ASN A 116 -14.92 20.63 4.24
N GLN A 117 -16.10 20.03 4.24
CA GLN A 117 -17.28 20.22 3.38
C GLN A 117 -17.93 21.27 4.27
N GLU A 118 -18.43 22.46 3.89
CA GLU A 118 -18.76 23.57 4.84
C GLU A 118 -17.25 23.84 5.05
N PHE A 119 -17.10 24.96 4.33
CA PHE A 119 -16.97 24.96 2.87
C PHE A 119 -15.93 24.69 1.78
N HIS A 120 -16.53 24.66 0.59
CA HIS A 120 -15.86 24.62 -0.69
C HIS A 120 -15.95 26.09 -1.12
N ARG A 129 -11.54 29.39 12.91
CA ARG A 129 -12.86 29.42 13.53
C ARG A 129 -13.13 28.23 14.46
N LYS A 130 -13.36 27.00 13.93
CA LYS A 130 -13.99 25.96 14.73
C LYS A 130 -13.27 25.35 15.94
N LYS A 131 -14.09 25.61 16.94
CA LYS A 131 -13.92 25.42 18.36
C LYS A 131 -15.22 24.68 18.73
N ASP A 132 -14.98 23.72 19.60
CA ASP A 132 -15.84 22.56 19.79
C ASP A 132 -17.23 22.09 20.26
N LYS A 133 -17.54 21.26 19.23
CA LYS A 133 -18.47 20.15 19.01
C LYS A 133 -19.00 20.29 17.59
N VAL A 134 -18.35 19.63 16.65
CA VAL A 134 -18.73 19.76 15.25
C VAL A 134 -18.50 18.45 14.51
N PRO A 135 -19.47 17.64 14.04
CA PRO A 135 -19.24 16.44 13.24
C PRO A 135 -18.51 16.79 11.95
N PHE A 136 -17.28 16.32 11.86
CA PHE A 136 -16.41 16.62 10.74
C PHE A 136 -16.85 15.83 9.52
N LYS A 137 -16.81 16.44 8.34
CA LYS A 137 -17.22 15.81 7.11
C LYS A 137 -16.07 16.01 6.16
N LEU A 138 -15.35 14.96 5.76
CA LEU A 138 -14.28 15.13 4.81
C LEU A 138 -14.85 15.57 3.47
N HIS A 139 -14.35 16.68 2.98
CA HIS A 139 -14.75 17.17 1.68
C HIS A 139 -14.36 16.18 0.59
N THR A 140 -15.32 15.65 -0.19
CA THR A 140 -15.10 14.74 -1.32
C THR A 140 -13.97 15.11 -2.28
N GLY A 141 -13.70 16.40 -2.40
CA GLY A 141 -12.63 16.94 -3.23
C GLY A 141 -11.23 16.69 -2.66
N HIS A 142 -11.16 16.10 -1.47
CA HIS A 142 -9.93 15.71 -0.82
C HIS A 142 -9.74 14.19 -0.97
N LEU A 143 -10.80 13.43 -1.14
CA LEU A 143 -10.77 12.00 -1.26
C LEU A 143 -10.26 11.57 -2.63
N HIS A 144 -9.18 10.81 -2.64
CA HIS A 144 -8.66 10.17 -3.83
C HIS A 144 -8.88 8.71 -3.48
N ILE A 145 -9.48 7.88 -4.34
CA ILE A 145 -9.65 6.46 -4.06
C ILE A 145 -9.02 5.62 -5.17
N LYS A 146 -8.49 4.46 -4.77
CA LYS A 146 -7.80 3.52 -5.63
C LYS A 146 -8.40 2.15 -5.47
N LEU A 147 -9.28 1.79 -6.36
CA LEU A 147 -9.93 0.50 -6.40
C LEU A 147 -9.07 -0.69 -6.86
N TYR A 148 -9.17 -1.83 -6.18
CA TYR A 148 -8.53 -3.06 -6.63
C TYR A 148 -9.54 -4.18 -6.75
N ALA A 149 -10.78 -4.03 -6.26
CA ALA A 149 -11.80 -5.04 -6.45
C ALA A 149 -13.24 -4.46 -6.38
N ILE A 150 -14.21 -5.25 -6.85
CA ILE A 150 -15.65 -5.00 -6.76
C ILE A 150 -16.37 -6.35 -6.70
N LEU A 151 -17.37 -6.48 -5.86
CA LEU A 151 -18.05 -7.75 -5.62
C LEU A 151 -19.53 -7.57 -5.81
N PRO A 152 -20.30 -8.56 -6.26
CA PRO A 152 -21.76 -8.49 -6.28
C PRO A 152 -22.16 -8.52 -4.83
N LEU A 153 -23.04 -7.65 -4.32
CA LEU A 153 -23.36 -7.51 -2.91
C LEU A 153 -23.81 -8.80 -2.27
N HIS A 154 -24.65 -9.60 -2.92
CA HIS A 154 -25.07 -10.85 -2.32
C HIS A 154 -23.94 -11.81 -1.92
N ILE A 155 -22.75 -11.71 -2.52
CA ILE A 155 -21.62 -12.56 -2.14
C ILE A 155 -20.98 -11.93 -0.94
N VAL A 156 -20.92 -10.59 -0.84
CA VAL A 156 -20.44 -9.95 0.38
C VAL A 156 -21.33 -10.42 1.54
N GLU A 157 -22.65 -10.41 1.39
CA GLU A 157 -23.59 -10.83 2.43
C GLU A 157 -23.51 -12.30 2.75
N SER A 158 -23.29 -13.19 1.77
CA SER A 158 -23.17 -14.60 2.08
C SER A 158 -21.85 -14.98 2.77
N GLY A 159 -20.73 -14.29 2.56
CA GLY A 159 -19.47 -14.73 3.15
C GLY A 159 -18.60 -15.54 2.18
N GLU A 160 -19.22 -16.07 1.14
CA GLU A 160 -18.55 -16.81 0.09
C GLU A 160 -17.51 -15.97 -0.62
N ASP A 161 -16.60 -16.73 -1.21
CA ASP A 161 -15.53 -16.18 -2.02
C ASP A 161 -16.16 -15.75 -3.32
N CYS A 162 -15.65 -14.67 -3.87
CA CYS A 162 -16.15 -14.19 -5.14
C CYS A 162 -15.26 -14.83 -6.19
N ASP A 163 -15.91 -15.58 -7.07
CA ASP A 163 -15.19 -16.37 -8.04
C ASP A 163 -14.96 -15.62 -9.33
N VAL A 164 -13.99 -14.70 -9.17
CA VAL A 164 -13.44 -13.86 -10.22
C VAL A 164 -11.96 -13.81 -9.89
N MET A 165 -11.17 -14.39 -10.80
CA MET A 165 -9.73 -14.40 -10.60
C MET A 165 -9.20 -12.99 -10.75
N THR A 166 -7.96 -12.79 -10.31
CA THR A 166 -7.38 -11.47 -10.27
C THR A 166 -7.32 -10.77 -11.59
N LEU A 167 -6.94 -11.49 -12.64
CA LEU A 167 -6.81 -10.83 -13.91
C LEU A 167 -8.19 -10.34 -14.40
N LEU A 168 -9.29 -10.98 -14.01
CA LEU A 168 -10.63 -10.56 -14.42
C LEU A 168 -11.13 -9.41 -13.55
N MET A 169 -10.85 -9.42 -12.25
CA MET A 169 -11.26 -8.36 -11.35
C MET A 169 -10.86 -6.97 -11.83
N GLN A 170 -9.68 -6.88 -12.43
CA GLN A 170 -9.18 -5.64 -12.99
C GLN A 170 -10.05 -5.20 -14.15
N GLU A 171 -10.69 -6.10 -14.91
CA GLU A 171 -11.58 -5.75 -16.01
C GLU A 171 -12.86 -5.20 -15.40
N HIS A 172 -13.36 -5.88 -14.37
CA HIS A 172 -14.54 -5.45 -13.63
C HIS A 172 -14.36 -4.08 -13.01
N VAL A 173 -13.16 -3.75 -12.50
CA VAL A 173 -12.91 -2.43 -11.92
C VAL A 173 -12.67 -1.41 -13.02
N LYS A 174 -11.93 -1.66 -14.12
CA LYS A 174 -11.77 -0.64 -15.16
C LYS A 174 -13.08 -0.39 -15.89
N ASN A 175 -14.01 -1.35 -15.90
CA ASN A 175 -15.36 -1.14 -16.43
C ASN A 175 -16.28 -0.41 -15.49
N MET A 176 -16.13 -0.52 -14.16
CA MET A 176 -16.98 0.22 -13.23
C MET A 176 -16.57 1.69 -13.15
N LEU A 177 -15.27 1.92 -13.22
CA LEU A 177 -14.64 3.22 -13.12
C LEU A 177 -15.30 4.32 -13.94
N PRO A 178 -15.66 4.28 -15.24
CA PRO A 178 -16.33 5.38 -15.91
C PRO A 178 -17.74 5.58 -15.42
N LEU A 179 -18.50 4.57 -14.99
CA LEU A 179 -19.82 4.84 -14.42
C LEU A 179 -19.63 5.66 -13.16
N LEU A 180 -18.70 5.28 -12.29
CA LEU A 180 -18.41 6.03 -11.08
C LEU A 180 -17.97 7.46 -11.34
N GLN A 181 -17.08 7.66 -12.29
CA GLN A 181 -16.58 8.99 -12.63
C GLN A 181 -17.63 9.86 -13.29
N GLU A 182 -18.50 9.20 -14.08
CA GLU A 182 -19.57 9.91 -14.76
C GLU A 182 -20.58 10.42 -13.73
N TYR A 183 -21.18 9.51 -12.96
CA TYR A 183 -22.21 9.88 -12.02
C TYR A 183 -21.72 10.56 -10.77
N PHE A 184 -20.55 10.21 -10.27
CA PHE A 184 -20.02 10.78 -9.04
C PHE A 184 -18.71 11.49 -9.25
N PRO A 185 -18.63 12.55 -10.06
CA PRO A 185 -17.38 13.25 -10.32
C PRO A 185 -16.87 14.06 -9.14
N GLU A 186 -17.51 14.03 -7.96
CA GLU A 186 -17.06 14.73 -6.77
C GLU A 186 -15.73 14.15 -6.31
N ILE A 187 -15.72 12.81 -6.31
CA ILE A 187 -14.62 11.99 -5.83
C ILE A 187 -13.71 11.61 -6.97
N GLU A 188 -12.43 11.52 -6.62
CA GLU A 188 -11.40 11.11 -7.56
C GLU A 188 -11.32 9.59 -7.58
N TRP A 189 -11.96 8.98 -8.58
CA TRP A 189 -12.05 7.53 -8.66
C TRP A 189 -10.94 7.06 -9.57
N GLN A 190 -10.23 6.02 -9.20
CA GLN A 190 -9.14 5.50 -10.00
C GLN A 190 -8.85 4.06 -9.66
N ALA A 191 -8.08 3.40 -10.51
CA ALA A 191 -7.66 2.03 -10.32
C ALA A 191 -6.28 2.02 -9.71
N ALA A 192 -6.02 1.04 -8.88
CA ALA A 192 -4.69 0.83 -8.32
C ALA A 192 -3.64 0.60 -9.41
N GLU A 193 -2.38 1.03 -9.30
CA GLU A 193 -1.39 0.72 -10.32
C GLU A 193 -0.85 -0.68 -10.09
N SER A 194 -0.99 -1.47 -11.15
CA SER A 194 -0.61 -2.87 -11.22
C SER A 194 0.40 -3.05 -12.33
N TYR A 195 1.35 -3.96 -12.10
CA TYR A 195 2.44 -4.24 -13.00
C TYR A 195 2.46 -5.77 -13.10
N GLU A 196 2.71 -6.32 -14.29
CA GLU A 196 2.74 -7.76 -14.47
C GLU A 196 4.21 -8.11 -14.64
N VAL A 197 4.73 -8.94 -13.74
CA VAL A 197 6.14 -9.32 -13.73
C VAL A 197 6.27 -10.76 -14.15
N TYR A 198 7.27 -11.10 -14.93
CA TYR A 198 7.41 -12.45 -15.48
C TYR A 198 8.43 -13.18 -14.67
N ASP A 199 9.33 -12.68 -13.86
CA ASP A 199 10.22 -13.46 -13.04
C ASP A 199 10.48 -12.77 -11.68
N MET A 200 11.15 -13.53 -10.79
CA MET A 200 11.44 -13.06 -9.44
C MET A 200 12.45 -11.91 -9.37
N VAL A 201 13.32 -11.78 -10.36
CA VAL A 201 14.25 -10.65 -10.43
C VAL A 201 13.42 -9.42 -10.78
N GLU A 202 12.51 -9.48 -11.76
CA GLU A 202 11.56 -8.41 -12.07
C GLU A 202 10.73 -8.03 -10.84
N LEU A 203 10.29 -8.98 -10.01
CA LEU A 203 9.56 -8.64 -8.80
C LEU A 203 10.43 -7.82 -7.88
N GLN A 204 11.69 -8.23 -7.57
CA GLN A 204 12.58 -7.47 -6.68
C GLN A 204 12.92 -6.08 -7.21
N GLN A 205 13.15 -6.01 -8.53
CA GLN A 205 13.42 -4.77 -9.23
C GLN A 205 12.29 -3.79 -9.01
N LEU A 206 11.05 -4.25 -9.22
CA LEU A 206 9.92 -3.40 -9.03
C LEU A 206 9.73 -2.96 -7.59
N TYR A 207 9.89 -3.93 -6.68
CA TYR A 207 9.69 -3.68 -5.26
C TYR A 207 10.62 -2.58 -4.81
N GLU A 208 11.92 -2.70 -5.05
CA GLU A 208 12.82 -1.67 -4.59
C GLU A 208 12.69 -0.39 -5.39
N GLN A 209 12.34 -0.41 -6.68
CA GLN A 209 11.95 0.81 -7.37
C GLN A 209 10.88 1.51 -6.53
N LYS A 210 9.85 0.80 -6.06
CA LYS A 210 8.82 1.44 -5.26
C LYS A 210 9.21 1.78 -3.81
N ARG A 211 10.15 1.07 -3.18
CA ARG A 211 10.64 1.47 -1.86
C ARG A 211 11.36 2.80 -2.03
N ALA A 212 12.10 2.92 -3.13
CA ALA A 212 12.84 4.10 -3.54
C ALA A 212 11.92 5.28 -3.81
N GLU A 213 10.60 5.08 -3.95
CA GLU A 213 9.71 6.20 -4.11
C GLU A 213 8.97 6.35 -2.80
N GLY A 214 9.52 5.83 -1.71
CA GLY A 214 8.92 5.95 -0.40
C GLY A 214 7.63 5.18 -0.22
N HIS A 215 7.34 4.18 -1.06
CA HIS A 215 6.14 3.40 -0.80
C HIS A 215 6.79 2.25 -0.09
N GLU A 216 6.25 1.75 1.01
CA GLU A 216 7.03 0.76 1.71
C GLU A 216 6.69 -0.69 1.32
N GLY A 217 6.08 -0.91 0.16
CA GLY A 217 5.80 -2.26 -0.26
C GLY A 217 4.86 -2.42 -1.44
N LEU A 218 4.54 -3.67 -1.73
CA LEU A 218 3.66 -4.08 -2.83
C LEU A 218 2.74 -5.17 -2.27
N ILE A 219 1.61 -5.40 -2.94
CA ILE A 219 0.78 -6.55 -2.65
C ILE A 219 0.97 -7.43 -3.90
N VAL A 220 1.57 -8.59 -3.79
CA VAL A 220 1.83 -9.46 -4.92
C VAL A 220 0.56 -10.28 -5.05
N LYS A 221 -0.10 -10.23 -6.20
CA LYS A 221 -1.34 -10.97 -6.39
C LYS A 221 -1.20 -12.12 -7.39
N ASP A 222 -1.58 -13.33 -7.00
CA ASP A 222 -1.59 -14.47 -7.89
C ASP A 222 -2.64 -14.19 -8.96
N PRO A 223 -2.29 -14.08 -10.23
CA PRO A 223 -3.25 -13.74 -11.26
C PRO A 223 -4.47 -14.67 -11.45
N MET A 224 -4.33 -15.88 -10.98
CA MET A 224 -5.30 -16.93 -11.07
C MET A 224 -6.01 -17.14 -9.73
N CYS A 225 -5.67 -16.42 -8.67
CA CYS A 225 -6.35 -16.54 -7.39
C CYS A 225 -7.68 -15.78 -7.55
N ILE A 226 -8.78 -16.31 -6.99
CA ILE A 226 -10.06 -15.59 -6.99
C ILE A 226 -10.13 -14.61 -5.81
N TYR A 227 -11.23 -13.86 -5.62
CA TYR A 227 -11.27 -12.93 -4.51
C TYR A 227 -11.77 -13.73 -3.32
N LYS A 228 -10.89 -13.94 -2.36
CA LYS A 228 -11.11 -14.70 -1.13
C LYS A 228 -11.45 -13.80 0.05
N ARG A 229 -11.92 -14.33 1.18
CA ARG A 229 -12.45 -13.53 2.26
C ARG A 229 -11.62 -13.67 3.51
N GLY A 230 -11.16 -12.55 4.04
CA GLY A 230 -10.33 -12.60 5.22
C GLY A 230 -8.87 -12.77 4.85
N LYS A 231 -7.97 -12.97 5.82
CA LYS A 231 -6.55 -13.08 5.55
C LYS A 231 -6.23 -14.42 4.90
N LYS A 232 -5.93 -14.46 3.61
CA LYS A 232 -5.69 -15.74 2.98
C LYS A 232 -4.61 -15.57 1.92
N SER A 233 -4.03 -16.72 1.62
CA SER A 233 -2.92 -16.90 0.71
C SER A 233 -3.34 -16.61 -0.72
N GLY A 234 -2.53 -15.90 -1.50
CA GLY A 234 -2.89 -15.63 -2.88
C GLY A 234 -2.58 -14.21 -3.20
N TRP A 235 -2.74 -13.39 -2.16
CA TRP A 235 -2.31 -12.00 -2.16
C TRP A 235 -1.25 -12.03 -1.07
N TRP A 236 -0.09 -11.44 -1.33
CA TRP A 236 1.06 -11.51 -0.43
C TRP A 236 1.55 -10.12 -0.21
N LYS A 237 1.90 -9.75 1.02
CA LYS A 237 2.45 -8.42 1.20
C LYS A 237 3.93 -8.59 0.90
N MET A 238 4.49 -7.85 -0.06
CA MET A 238 5.94 -7.86 -0.20
C MET A 238 6.45 -6.61 0.53
N LYS A 239 6.53 -6.65 1.84
CA LYS A 239 6.93 -5.53 2.69
C LYS A 239 7.70 -6.05 3.91
N PRO A 240 8.78 -5.41 4.42
CA PRO A 240 9.57 -5.89 5.57
C PRO A 240 8.72 -5.70 6.81
N GLU A 241 8.26 -6.84 7.32
CA GLU A 241 7.35 -6.92 8.44
C GLU A 241 8.00 -7.58 9.64
N ASN A 242 9.16 -8.19 9.46
CA ASN A 242 9.92 -8.70 10.60
C ASN A 242 10.94 -7.60 10.89
N GLU A 243 10.93 -7.03 12.08
CA GLU A 243 11.84 -5.94 12.39
C GLU A 243 12.96 -6.64 13.14
N ALA A 244 14.17 -6.04 13.29
CA ALA A 244 15.33 -6.66 13.97
C ALA A 244 16.44 -5.69 14.40
N ASP A 245 17.61 -6.10 14.88
CA ASP A 245 18.63 -5.25 15.48
C ASP A 245 20.02 -5.46 14.92
N GLY A 246 20.95 -4.66 15.42
CA GLY A 246 22.33 -4.76 15.06
C GLY A 246 23.05 -3.44 15.23
N ILE A 247 24.35 -3.33 14.95
CA ILE A 247 24.98 -2.01 15.02
C ILE A 247 25.29 -1.72 13.59
N ILE A 248 25.24 -0.48 13.09
CA ILE A 248 25.63 -0.28 11.72
C ILE A 248 27.14 -0.21 11.86
N GLN A 249 27.86 -0.58 10.81
CA GLN A 249 29.30 -0.56 10.85
C GLN A 249 29.84 -0.65 9.44
N GLY A 250 29.30 0.23 8.64
CA GLY A 250 29.63 0.26 7.25
C GLY A 250 28.47 0.89 6.55
N LEU A 251 28.67 1.15 5.28
CA LEU A 251 27.83 1.94 4.41
C LEU A 251 27.80 1.12 3.16
N VAL A 252 26.66 0.80 2.60
CA VAL A 252 26.72 0.14 1.32
C VAL A 252 26.30 1.27 0.42
N TRP A 253 27.00 1.37 -0.72
CA TRP A 253 26.88 2.53 -1.56
C TRP A 253 25.89 2.60 -2.67
N GLY A 254 25.97 1.86 -3.76
CA GLY A 254 25.03 2.14 -4.84
C GLY A 254 25.75 1.66 -6.05
N THR A 255 25.10 0.91 -6.91
CA THR A 255 25.77 0.26 -8.00
C THR A 255 26.10 1.24 -9.12
N LYS A 256 27.37 1.65 -9.20
CA LYS A 256 27.80 2.52 -10.28
C LYS A 256 28.00 1.69 -11.55
N GLY A 257 28.13 0.37 -11.42
CA GLY A 257 28.23 -0.52 -12.55
C GLY A 257 26.87 -1.15 -12.73
N LEU A 258 26.01 -0.45 -13.48
CA LEU A 258 24.65 -0.83 -13.89
C LEU A 258 23.46 -0.37 -13.01
N ALA A 259 23.39 0.86 -12.45
CA ALA A 259 22.21 1.27 -11.66
C ALA A 259 22.06 2.68 -11.08
N ASN A 260 20.83 3.15 -11.23
CA ASN A 260 20.19 4.29 -10.56
C ASN A 260 20.97 5.16 -9.56
N GLU A 261 21.60 4.49 -8.61
CA GLU A 261 22.24 5.18 -7.51
C GLU A 261 23.73 5.35 -7.70
N GLY A 262 24.21 6.54 -7.35
CA GLY A 262 25.64 6.79 -7.34
C GLY A 262 26.07 7.10 -5.91
N LYS A 263 25.19 7.01 -4.89
CA LYS A 263 25.47 7.29 -3.49
C LYS A 263 24.51 6.54 -2.53
N VAL A 264 24.99 6.22 -1.31
CA VAL A 264 24.49 5.38 -0.21
C VAL A 264 23.03 5.06 -0.03
N ILE A 265 22.91 3.75 -0.29
CA ILE A 265 21.64 3.06 -0.30
C ILE A 265 21.33 2.31 1.00
N GLY A 266 22.19 2.31 2.01
CA GLY A 266 21.99 1.56 3.23
C GLY A 266 23.27 1.36 4.05
N PHE A 267 23.17 0.41 5.00
CA PHE A 267 24.24 0.09 5.92
C PHE A 267 24.69 -1.37 6.00
N GLU A 268 25.92 -1.54 6.46
CA GLU A 268 26.45 -2.86 6.75
C GLU A 268 25.93 -3.03 8.16
N VAL A 269 25.10 -4.04 8.44
CA VAL A 269 24.59 -4.20 9.80
C VAL A 269 24.94 -5.58 10.35
N LEU A 270 25.68 -5.48 11.46
CA LEU A 270 26.13 -6.66 12.18
C LEU A 270 24.94 -7.02 13.06
N LEU A 271 24.52 -8.25 12.85
CA LEU A 271 23.42 -8.84 13.57
C LEU A 271 23.97 -9.57 14.80
N GLU A 272 23.09 -9.65 15.78
CA GLU A 272 23.30 -10.32 17.05
C GLU A 272 24.01 -11.66 17.02
N SER A 273 23.57 -12.45 16.06
CA SER A 273 24.05 -13.77 15.74
C SER A 273 25.42 -13.86 15.07
N GLY A 274 25.92 -12.75 14.52
CA GLY A 274 27.21 -12.76 13.83
C GLY A 274 27.10 -12.58 12.32
N ARG A 275 25.85 -12.37 11.90
CA ARG A 275 25.57 -12.22 10.48
C ARG A 275 25.77 -10.78 10.11
N LEU A 276 26.42 -10.60 8.96
CA LEU A 276 26.55 -9.29 8.41
C LEU A 276 25.49 -9.25 7.31
N VAL A 277 24.53 -8.34 7.50
CA VAL A 277 23.42 -8.15 6.59
C VAL A 277 23.50 -6.78 5.94
N ASN A 278 23.30 -6.64 4.64
CA ASN A 278 23.30 -5.30 4.07
C ASN A 278 21.88 -4.82 3.89
N ALA A 279 21.47 -4.10 4.93
CA ALA A 279 20.15 -3.51 5.05
C ALA A 279 20.04 -2.33 4.12
N THR A 280 19.39 -2.49 2.97
CA THR A 280 19.30 -1.37 2.07
C THR A 280 17.86 -0.90 1.83
N ASN A 281 17.18 -1.41 0.80
CA ASN A 281 15.90 -0.99 0.24
C ASN A 281 15.18 0.19 0.91
N ILE A 282 15.79 1.37 0.81
CA ILE A 282 15.27 2.59 1.44
C ILE A 282 14.81 3.62 0.43
N SER A 283 14.16 4.65 0.98
CA SER A 283 13.38 5.60 0.23
C SER A 283 13.79 6.52 -0.87
N ARG A 284 15.07 6.86 -0.96
CA ARG A 284 15.61 7.83 -1.90
C ARG A 284 15.76 9.05 -1.03
N ALA A 285 14.74 9.43 -0.28
CA ALA A 285 14.82 10.57 0.61
C ALA A 285 15.83 10.23 1.72
N LEU A 286 15.81 9.02 2.27
CA LEU A 286 16.78 8.64 3.26
C LEU A 286 18.15 8.47 2.58
N MET A 287 18.26 7.92 1.36
CA MET A 287 19.52 7.84 0.61
C MET A 287 20.24 9.17 0.47
N ASP A 288 19.56 10.17 -0.08
CA ASP A 288 20.15 11.48 -0.33
C ASP A 288 20.42 12.20 0.98
N GLU A 289 19.71 11.93 2.09
CA GLU A 289 19.97 12.55 3.40
C GLU A 289 21.24 11.95 4.01
N PHE A 290 21.37 10.61 4.00
CA PHE A 290 22.56 9.90 4.47
C PHE A 290 23.82 10.23 3.69
N THR A 291 23.76 10.43 2.38
CA THR A 291 24.94 10.80 1.61
C THR A 291 25.39 12.18 2.03
N GLU A 292 24.58 13.22 2.13
CA GLU A 292 24.99 14.54 2.58
C GLU A 292 25.73 14.43 3.88
N THR A 293 25.18 13.74 4.87
CA THR A 293 25.90 13.47 6.10
C THR A 293 27.27 12.81 5.83
N VAL A 294 27.34 11.77 4.99
CA VAL A 294 28.62 11.16 4.63
C VAL A 294 29.50 12.18 3.92
N LYS A 295 28.95 13.00 3.03
CA LYS A 295 29.71 13.93 2.22
C LYS A 295 30.31 15.00 3.07
N GLU A 296 29.63 15.48 4.10
CA GLU A 296 30.13 16.57 4.93
C GLU A 296 31.22 16.16 5.90
N ALA A 297 30.97 15.01 6.55
CA ALA A 297 31.86 14.47 7.54
C ALA A 297 33.20 14.20 6.83
N THR A 298 33.19 13.61 5.65
CA THR A 298 34.37 13.37 4.86
C THR A 298 34.95 14.68 4.35
N LEU A 299 34.20 15.78 4.24
CA LEU A 299 34.80 17.04 3.82
C LEU A 299 35.57 17.75 4.92
N SER A 300 35.83 17.10 6.07
CA SER A 300 36.92 17.52 6.92
C SER A 300 38.12 16.57 6.65
N GLN A 301 38.33 16.46 5.34
CA GLN A 301 39.52 16.03 4.63
C GLN A 301 39.56 16.87 3.34
N TRP A 302 38.36 17.30 2.88
CA TRP A 302 37.97 17.80 1.55
C TRP A 302 38.53 16.85 0.52
N GLY A 303 37.60 16.07 -0.01
CA GLY A 303 37.92 15.09 -1.02
C GLY A 303 36.61 14.47 -1.37
N PHE A 304 36.13 13.75 -0.35
CA PHE A 304 34.93 12.92 -0.45
C PHE A 304 34.98 11.91 -1.62
N PHE A 305 35.54 10.74 -1.23
CA PHE A 305 35.71 9.56 -2.06
C PHE A 305 35.90 9.78 -3.56
N ASP A 314 46.52 9.40 3.26
CA ASP A 314 46.43 8.77 4.55
C ASP A 314 44.90 8.70 4.76
N ALA A 315 44.09 8.68 3.68
CA ALA A 315 42.71 9.09 3.88
C ALA A 315 41.49 8.34 3.31
N CYS A 316 40.51 7.96 4.16
CA CYS A 316 39.26 7.29 3.76
C CYS A 316 37.96 7.98 4.24
N THR A 317 36.83 7.69 3.62
CA THR A 317 35.46 8.11 3.95
C THR A 317 35.04 8.06 5.42
N ILE A 318 34.72 9.21 6.05
CA ILE A 318 34.17 9.09 7.39
C ILE A 318 32.71 8.71 7.19
N ASN A 319 32.32 7.63 7.85
CA ASN A 319 30.92 7.24 7.95
C ASN A 319 30.47 7.80 9.29
N PRO A 320 29.75 8.93 9.36
CA PRO A 320 29.28 9.50 10.62
C PRO A 320 28.09 8.76 11.23
N TYR A 321 28.20 7.43 11.28
CA TYR A 321 27.19 6.50 11.75
C TYR A 321 27.89 5.21 12.16
N ASP A 322 29.19 4.91 11.94
CA ASP A 322 29.75 3.61 12.37
C ASP A 322 29.48 3.43 13.86
N GLY A 323 29.08 2.21 14.22
CA GLY A 323 28.82 1.85 15.60
C GLY A 323 27.39 2.18 16.03
N TRP A 324 26.66 2.99 15.24
CA TRP A 324 25.30 3.36 15.54
C TRP A 324 24.40 2.17 15.61
N ALA A 325 23.82 1.82 16.75
CA ALA A 325 22.97 0.66 16.82
C ALA A 325 21.70 0.96 16.06
N CYS A 326 21.11 -0.07 15.44
CA CYS A 326 19.91 0.14 14.67
C CYS A 326 18.95 -1.04 14.61
N GLN A 327 17.84 -0.76 13.96
CA GLN A 327 16.80 -1.73 13.73
C GLN A 327 16.60 -1.83 12.21
N ILE A 328 16.77 -3.05 11.73
CA ILE A 328 16.65 -3.40 10.33
C ILE A 328 15.33 -4.16 10.19
N SER A 329 14.66 -4.17 9.05
CA SER A 329 13.44 -4.94 8.86
C SER A 329 13.76 -6.01 7.84
N TYR A 330 13.23 -7.23 7.80
CA TYR A 330 13.44 -8.06 6.64
C TYR A 330 12.14 -8.78 6.25
N MET A 331 12.05 -9.39 5.07
CA MET A 331 10.84 -10.04 4.64
C MET A 331 10.75 -11.40 5.23
N GLU A 332 11.68 -12.34 5.10
CA GLU A 332 11.49 -13.62 5.76
C GLU A 332 12.83 -14.27 6.11
N GLU A 333 12.90 -15.49 6.65
CA GLU A 333 14.18 -16.07 7.06
C GLU A 333 14.40 -17.51 6.62
N THR A 334 15.47 -17.66 5.87
CA THR A 334 15.97 -18.92 5.31
C THR A 334 16.48 -19.82 6.45
N PRO A 335 16.53 -21.15 6.32
CA PRO A 335 17.06 -22.09 7.33
C PRO A 335 18.42 -21.74 7.94
N ASP A 336 19.32 -21.37 7.05
CA ASP A 336 20.67 -20.98 7.37
C ASP A 336 20.72 -19.59 8.00
N GLY A 337 19.64 -19.05 8.54
CA GLY A 337 19.62 -17.74 9.16
C GLY A 337 19.61 -16.59 8.17
N SER A 338 19.55 -16.80 6.85
CA SER A 338 19.50 -15.67 5.94
C SER A 338 18.21 -14.89 6.04
N LEU A 339 18.34 -13.58 6.15
CA LEU A 339 17.20 -12.70 6.20
C LEU A 339 16.91 -12.26 4.78
N ARG A 340 15.75 -12.63 4.22
CA ARG A 340 15.36 -12.28 2.86
C ARG A 340 14.78 -10.85 2.73
N HIS A 341 15.36 -10.03 1.83
CA HIS A 341 15.06 -8.62 1.49
C HIS A 341 15.06 -7.61 2.65
N PRO A 342 16.23 -7.36 3.28
CA PRO A 342 16.30 -6.54 4.46
C PRO A 342 16.43 -5.06 4.16
N SER A 343 15.80 -4.19 4.95
CA SER A 343 15.85 -2.76 4.74
C SER A 343 16.15 -2.11 6.07
N PHE A 344 16.40 -0.82 6.09
CA PHE A 344 16.70 -0.09 7.31
C PHE A 344 15.37 0.38 7.83
N VAL A 345 15.20 0.43 9.15
CA VAL A 345 14.01 1.02 9.73
C VAL A 345 14.41 2.29 10.50
N MET A 346 15.12 2.18 11.62
CA MET A 346 15.57 3.34 12.40
C MET A 346 16.71 2.94 13.33
N PHE A 347 17.60 3.88 13.68
CA PHE A 347 18.72 3.63 14.58
C PHE A 347 18.17 3.56 16.00
N ARG A 348 18.62 2.59 16.80
CA ARG A 348 18.11 2.29 18.13
C ARG A 348 19.00 1.23 18.80
PG ATP B . -2.28 -3.40 10.24
O1G ATP B . -1.21 -3.86 11.16
O2G ATP B . -3.17 -4.59 10.10
O3G ATP B . -3.13 -2.45 11.00
PB ATP B . -2.41 -3.15 7.39
O1B ATP B . -3.65 -2.34 7.15
O2B ATP B . -1.51 -2.80 6.23
O3B ATP B . -1.71 -2.91 8.82
PA ATP B . -2.14 -5.72 6.53
O1A ATP B . -0.73 -5.65 6.97
O2A ATP B . -2.66 -7.00 7.11
O3A ATP B . -2.83 -4.57 7.20
O5' ATP B . -2.28 -5.74 4.92
C5' ATP B . -3.53 -6.10 4.32
C4' ATP B . -4.15 -4.83 3.73
O4' ATP B . -3.23 -4.00 3.02
C3' ATP B . -5.62 -4.53 3.48
O3' ATP B . -6.59 -4.66 4.54
C2' ATP B . -5.56 -3.19 2.76
O2' ATP B . -6.18 -2.15 3.50
C1' ATP B . -4.11 -3.15 2.25
N9 ATP B . -3.72 -2.74 0.88
C8 ATP B . -3.09 -1.59 0.42
N7 ATP B . -2.92 -1.68 -0.97
C5 ATP B . -3.50 -2.88 -1.30
C6 ATP B . -3.55 -3.21 -2.62
N6 ATP B . -2.98 -2.39 -3.69
N1 ATP B . -4.17 -4.41 -2.88
C2 ATP B . -4.68 -5.08 -1.77
N3 ATP B . -4.64 -4.70 -0.45
C4 ATP B . -3.98 -3.51 -0.22
#